data_3A8T
#
_entry.id   3A8T
#
_cell.length_a   45.422
_cell.length_b   75.887
_cell.length_c   81.128
_cell.angle_alpha   90.00
_cell.angle_beta   90.00
_cell.angle_gamma   90.00
#
_symmetry.space_group_name_H-M   'P 21 21 21'
#
loop_
_entity.id
_entity.type
_entity.pdbx_description
1 polymer 'Adenylate isopentenyltransferase'
2 non-polymer "ADENOSINE-5'-TRIPHOSPHATE"
3 non-polymer 'PHOSPHATE ION'
4 water water
#
_entity_poly.entity_id   1
_entity_poly.type   'polypeptide(L)'
_entity_poly.pdbx_seq_one_letter_code
;MRGSHHHHHHMDYASVAMAAAPTTTTTTNVSLRRQRHRKEKLLVLMGATGTGKSRLSIDLAAHFPLEVINSDKMQVYKGL
DITTNKISVPDRGGVPHHLLGEVDPARGELTPADFRSLAGKAVSEITGRRKLPVLVGGSNSFIHALLVDRFDSSGPGVFE
EGSHSVVSSELRYDCCFLWVDVSVKVLTDYLAKRVDDMLELGMFDELAEFYSPEDEDHDEDSATRTGLRKAIGVPEFDRY
FEKFRPGDVEGEDPGRDRVRRGAFEEAVRAIKENTCHLAKRQIGKILRLKGAGWDLRRLDATESFRAAMTSDSGEKCTEI
WEKQVLEPSVKIVSRFLDE
;
_entity_poly.pdbx_strand_id   A
#
loop_
_chem_comp.id
_chem_comp.type
_chem_comp.name
_chem_comp.formula
ATP non-polymer ADENOSINE-5'-TRIPHOSPHATE 'C10 H16 N5 O13 P3'
PO4 non-polymer 'PHOSPHATE ION' 'O4 P -3'
#
# COMPACT_ATOMS: atom_id res chain seq x y z
N ARG A 38 -31.12 1.93 -4.93
CA ARG A 38 -30.18 2.95 -5.51
C ARG A 38 -28.73 2.59 -5.16
N LYS A 39 -28.08 1.83 -6.04
CA LYS A 39 -26.72 1.34 -5.81
C LYS A 39 -25.57 2.17 -6.38
N GLU A 40 -24.86 2.83 -5.47
CA GLU A 40 -23.74 3.72 -5.75
C GLU A 40 -22.54 3.13 -6.45
N LYS A 41 -22.00 3.94 -7.37
CA LYS A 41 -20.84 3.61 -8.18
C LYS A 41 -19.56 3.84 -7.40
N LEU A 42 -18.70 2.84 -7.46
CA LEU A 42 -17.43 2.89 -6.80
C LEU A 42 -16.31 2.33 -7.66
N LEU A 43 -15.29 3.12 -7.87
CA LEU A 43 -14.17 2.67 -8.65
C LEU A 43 -13.20 2.01 -7.68
N VAL A 44 -12.70 0.84 -8.04
CA VAL A 44 -11.80 0.12 -7.18
C VAL A 44 -10.47 -0.11 -7.86
N LEU A 45 -9.39 0.42 -7.30
CA LEU A 45 -8.07 0.28 -7.89
C LEU A 45 -7.35 -0.77 -7.09
N MET A 46 -7.08 -1.90 -7.74
CA MET A 46 -6.43 -3.06 -7.18
C MET A 46 -5.06 -3.46 -7.75
N GLY A 47 -4.34 -4.23 -6.94
CA GLY A 47 -3.03 -4.69 -7.34
C GLY A 47 -2.11 -4.86 -6.12
N ALA A 48 -1.04 -5.60 -6.33
CA ALA A 48 -0.06 -5.81 -5.29
C ALA A 48 0.57 -4.47 -4.92
N THR A 49 1.30 -4.50 -3.78
CA THR A 49 2.04 -3.38 -3.22
C THR A 49 3.01 -2.79 -4.22
N GLY A 50 2.99 -1.47 -4.36
CA GLY A 50 3.89 -0.82 -5.27
C GLY A 50 3.56 -0.92 -6.74
N THR A 51 2.35 -1.34 -7.13
CA THR A 51 2.07 -1.37 -8.56
C THR A 51 1.60 0.00 -9.15
N GLY A 52 1.75 1.09 -8.40
CA GLY A 52 1.35 2.38 -8.94
C GLY A 52 -0.12 2.72 -8.80
N LYS A 53 -0.82 2.11 -7.84
CA LYS A 53 -2.22 2.39 -7.64
C LYS A 53 -2.51 3.83 -7.20
N SER A 54 -1.76 4.34 -6.25
CA SER A 54 -2.00 5.72 -5.83
C SER A 54 -1.83 6.69 -6.99
N ARG A 55 -0.75 6.48 -7.72
CA ARG A 55 -0.35 7.26 -8.91
C ARG A 55 -1.52 7.37 -9.87
N LEU A 56 -2.05 6.19 -10.19
CA LEU A 56 -3.13 6.14 -11.14
C LEU A 56 -4.35 6.87 -10.63
N SER A 57 -4.61 6.77 -9.33
CA SER A 57 -5.78 7.42 -8.74
C SER A 57 -5.67 8.91 -8.90
N ILE A 58 -4.43 9.42 -8.82
CA ILE A 58 -4.20 10.83 -8.98
C ILE A 58 -4.27 11.23 -10.44
N ASP A 59 -3.70 10.47 -11.34
CA ASP A 59 -3.81 10.79 -12.75
C ASP A 59 -5.26 10.84 -13.22
N LEU A 60 -6.07 9.91 -12.76
CA LEU A 60 -7.48 9.89 -13.14
C LEU A 60 -8.24 11.09 -12.65
N ALA A 61 -7.74 11.76 -11.61
CA ALA A 61 -8.43 12.90 -11.04
C ALA A 61 -8.34 14.06 -11.97
N ALA A 62 -7.33 14.08 -12.83
CA ALA A 62 -7.25 15.18 -13.77
C ALA A 62 -8.39 15.07 -14.85
N HIS A 63 -9.05 13.90 -14.94
CA HIS A 63 -10.09 13.63 -15.94
C HIS A 63 -11.46 13.49 -15.35
N PHE A 64 -11.50 13.09 -14.10
CA PHE A 64 -12.73 12.86 -13.40
C PHE A 64 -12.75 13.43 -12.01
N PRO A 65 -13.76 14.25 -11.69
CA PRO A 65 -13.82 14.79 -10.33
C PRO A 65 -13.93 13.58 -9.36
N LEU A 66 -12.94 13.39 -8.51
CA LEU A 66 -13.02 12.23 -7.64
C LEU A 66 -12.35 12.44 -6.28
N GLU A 67 -12.49 11.47 -5.40
CA GLU A 67 -11.90 11.56 -4.06
C GLU A 67 -11.48 10.12 -3.78
N VAL A 68 -10.40 10.00 -3.03
CA VAL A 68 -9.83 8.71 -2.71
C VAL A 68 -10.08 8.20 -1.31
N ILE A 69 -10.36 6.91 -1.24
CA ILE A 69 -10.53 6.20 0.04
C ILE A 69 -9.40 5.20 0.02
N ASN A 70 -8.55 5.27 1.02
CA ASN A 70 -7.42 4.35 1.15
C ASN A 70 -7.90 3.01 1.67
N SER A 71 -7.48 1.92 1.02
CA SER A 71 -7.86 0.54 1.43
C SER A 71 -6.64 -0.29 1.88
N ASP A 72 -5.50 0.37 2.04
CA ASP A 72 -4.29 -0.30 2.52
C ASP A 72 -4.40 -0.27 4.06
N LYS A 73 -4.41 -1.43 4.69
CA LYS A 73 -4.60 -1.47 6.13
C LYS A 73 -3.49 -0.92 7.04
N MET A 74 -2.28 -0.74 6.52
CA MET A 74 -1.21 -0.15 7.33
C MET A 74 -1.30 1.39 7.18
N GLN A 75 -1.67 1.84 5.98
CA GLN A 75 -1.76 3.25 5.66
C GLN A 75 -2.88 4.00 6.35
N VAL A 76 -3.73 3.27 7.08
CA VAL A 76 -4.85 3.92 7.72
C VAL A 76 -4.35 4.59 8.99
N TYR A 77 -3.20 4.16 9.49
CA TYR A 77 -2.66 4.70 10.73
C TYR A 77 -1.81 5.91 10.51
N LYS A 78 -1.87 6.87 11.44
CA LYS A 78 -1.02 8.07 11.38
C LYS A 78 0.34 7.51 11.75
N GLY A 79 1.40 7.92 11.06
CA GLY A 79 2.69 7.38 11.45
C GLY A 79 3.40 6.61 10.35
N LEU A 80 4.73 6.51 10.50
CA LEU A 80 5.61 5.82 9.56
C LEU A 80 5.21 6.09 8.14
N ASP A 81 5.03 7.36 7.81
CA ASP A 81 4.63 7.77 6.48
C ASP A 81 5.57 7.17 5.43
N ILE A 82 6.87 7.10 5.75
CA ILE A 82 7.85 6.53 4.80
C ILE A 82 7.73 5.02 4.71
N THR A 83 7.86 4.37 5.87
CA THR A 83 7.79 2.92 5.96
C THR A 83 6.54 2.33 5.33
N THR A 84 5.40 3.03 5.47
CA THR A 84 4.15 2.52 4.93
C THR A 84 3.87 2.87 3.50
N ASN A 85 4.76 3.69 2.92
CA ASN A 85 4.70 4.13 1.56
C ASN A 85 3.47 4.98 1.29
N LYS A 86 3.14 5.91 2.19
CA LYS A 86 1.97 6.75 1.95
C LYS A 86 2.30 7.72 0.81
N ILE A 87 1.39 7.89 -0.12
CA ILE A 87 1.63 8.84 -1.18
C ILE A 87 1.86 10.23 -0.52
N SER A 88 2.93 10.95 -0.91
CA SER A 88 3.20 12.30 -0.35
C SER A 88 2.06 13.25 -0.67
N VAL A 89 1.83 14.23 0.21
CA VAL A 89 0.72 15.15 0.01
C VAL A 89 0.93 15.98 -1.26
N PRO A 90 2.16 16.48 -1.51
CA PRO A 90 2.35 17.25 -2.74
C PRO A 90 1.91 16.46 -3.95
N ASP A 91 2.15 15.16 -3.92
CA ASP A 91 1.76 14.29 -5.02
C ASP A 91 0.31 13.87 -5.10
N ARG A 92 -0.55 14.29 -4.17
CA ARG A 92 -1.96 13.95 -4.26
C ARG A 92 -2.71 14.93 -5.16
N GLY A 93 -2.01 15.98 -5.62
CA GLY A 93 -2.60 16.93 -6.55
C GLY A 93 -3.84 17.66 -6.08
N GLY A 94 -3.99 17.75 -4.79
CA GLY A 94 -5.13 18.45 -4.26
C GLY A 94 -6.28 17.50 -4.20
N VAL A 95 -6.06 16.24 -4.51
CA VAL A 95 -7.21 15.31 -4.40
C VAL A 95 -7.56 15.01 -2.95
N PRO A 96 -8.86 14.97 -2.61
CA PRO A 96 -9.19 14.67 -1.19
C PRO A 96 -9.03 13.19 -0.83
N HIS A 97 -8.34 12.87 0.24
CA HIS A 97 -8.16 11.47 0.61
C HIS A 97 -8.83 11.17 1.93
N HIS A 98 -9.33 9.93 2.07
CA HIS A 98 -9.99 9.46 3.27
C HIS A 98 -9.37 8.14 3.77
N LEU A 99 -9.45 7.90 5.07
CA LEU A 99 -8.93 6.69 5.67
C LEU A 99 -7.44 6.59 5.41
N LEU A 100 -6.78 7.74 5.35
CA LEU A 100 -5.34 7.76 5.11
C LEU A 100 -4.61 8.50 6.20
N GLY A 101 -4.00 7.72 7.07
CA GLY A 101 -3.19 8.25 8.15
C GLY A 101 -3.98 8.99 9.20
N GLU A 102 -5.18 8.55 9.52
CA GLU A 102 -5.95 9.25 10.50
C GLU A 102 -6.32 8.42 11.71
N VAL A 103 -5.96 7.14 11.72
CA VAL A 103 -6.27 6.28 12.86
C VAL A 103 -5.08 6.31 13.82
N ASP A 104 -5.31 6.49 15.11
CA ASP A 104 -4.24 6.55 16.07
C ASP A 104 -3.81 5.14 16.41
N PRO A 105 -2.61 4.76 15.96
CA PRO A 105 -2.11 3.41 16.23
C PRO A 105 -2.26 2.98 17.72
N ALA A 106 -2.10 3.94 18.62
CA ALA A 106 -2.24 3.67 20.05
C ALA A 106 -3.55 2.98 20.36
N ARG A 107 -4.63 3.33 19.66
CA ARG A 107 -5.94 2.71 19.91
C ARG A 107 -6.18 1.25 19.43
N GLY A 108 -5.11 0.59 18.98
CA GLY A 108 -5.21 -0.79 18.52
C GLY A 108 -5.46 -0.98 17.01
N GLU A 109 -5.81 -2.20 16.64
CA GLU A 109 -6.02 -2.46 15.25
C GLU A 109 -7.37 -1.94 14.71
N LEU A 110 -7.35 -1.44 13.49
CA LEU A 110 -8.56 -0.99 12.84
C LEU A 110 -9.02 -2.27 12.20
N THR A 111 -10.03 -2.90 12.77
CA THR A 111 -10.50 -4.16 12.20
C THR A 111 -11.19 -3.95 10.87
N PRO A 112 -11.35 -5.02 10.09
CA PRO A 112 -12.01 -4.99 8.78
C PRO A 112 -13.47 -4.54 8.92
N ALA A 113 -14.04 -4.80 10.09
CA ALA A 113 -15.42 -4.37 10.35
C ALA A 113 -15.43 -2.87 10.62
N ASP A 114 -14.41 -2.36 11.32
CA ASP A 114 -14.27 -0.94 11.61
C ASP A 114 -14.15 -0.24 10.25
N PHE A 115 -13.35 -0.84 9.38
CA PHE A 115 -13.12 -0.29 8.06
C PHE A 115 -14.39 -0.18 7.20
N ARG A 116 -15.15 -1.26 7.16
CA ARG A 116 -16.41 -1.31 6.42
C ARG A 116 -17.29 -0.13 6.85
N SER A 117 -17.35 0.10 8.15
CA SER A 117 -18.15 1.17 8.67
C SER A 117 -17.64 2.57 8.25
N LEU A 118 -16.39 2.85 8.59
CA LEU A 118 -15.74 4.12 8.24
C LEU A 118 -15.77 4.41 6.74
N ALA A 119 -15.38 3.43 5.92
CA ALA A 119 -15.33 3.60 4.46
C ALA A 119 -16.67 3.63 3.72
N GLY A 120 -17.64 2.86 4.20
CA GLY A 120 -18.97 2.93 3.63
C GLY A 120 -19.50 4.34 3.83
N LYS A 121 -19.18 4.98 4.96
CA LYS A 121 -19.61 6.34 5.23
C LYS A 121 -19.02 7.30 4.17
N ALA A 122 -17.70 7.17 3.97
CA ALA A 122 -16.96 7.96 3.01
C ALA A 122 -17.46 7.72 1.62
N VAL A 123 -17.83 6.49 1.29
CA VAL A 123 -18.33 6.27 -0.08
C VAL A 123 -19.60 7.11 -0.25
N SER A 124 -20.42 7.06 0.77
CA SER A 124 -21.69 7.72 0.78
C SER A 124 -21.55 9.26 0.74
N GLU A 125 -20.58 9.76 1.44
CA GLU A 125 -20.33 11.17 1.49
C GLU A 125 -19.80 11.77 0.20
N ILE A 126 -18.90 11.05 -0.46
CA ILE A 126 -18.28 11.49 -1.69
C ILE A 126 -19.30 11.59 -2.81
N THR A 127 -20.11 10.56 -2.92
CA THR A 127 -21.16 10.50 -3.91
C THR A 127 -22.06 11.68 -3.63
N GLY A 128 -22.25 11.96 -2.34
CA GLY A 128 -23.09 13.10 -1.97
C GLY A 128 -22.56 14.36 -2.64
N ARG A 129 -21.25 14.58 -2.59
CA ARG A 129 -20.69 15.78 -3.20
C ARG A 129 -20.55 15.63 -4.72
N ARG A 130 -21.19 14.62 -5.28
CA ARG A 130 -21.16 14.32 -6.71
C ARG A 130 -19.78 13.95 -7.32
N LYS A 131 -18.87 13.45 -6.52
CA LYS A 131 -17.61 13.04 -7.10
C LYS A 131 -17.53 11.53 -7.00
N LEU A 132 -16.74 10.95 -7.88
CA LEU A 132 -16.61 9.51 -7.84
C LEU A 132 -15.71 9.03 -6.73
N PRO A 133 -16.18 8.09 -5.86
CA PRO A 133 -15.32 7.57 -4.79
C PRO A 133 -14.40 6.49 -5.43
N VAL A 134 -13.13 6.46 -5.06
CA VAL A 134 -12.16 5.51 -5.62
C VAL A 134 -11.44 4.79 -4.48
N LEU A 135 -11.67 3.48 -4.38
CA LEU A 135 -11.01 2.67 -3.35
C LEU A 135 -9.59 2.33 -3.82
N VAL A 136 -8.57 2.84 -3.14
CA VAL A 136 -7.19 2.61 -3.56
C VAL A 136 -6.37 1.90 -2.52
N GLY A 137 -5.95 0.69 -2.87
CA GLY A 137 -5.17 -0.05 -1.91
C GLY A 137 -5.14 -1.55 -2.16
N GLY A 138 -4.31 -2.20 -1.35
CA GLY A 138 -4.13 -3.60 -1.54
C GLY A 138 -4.47 -4.57 -0.44
N SER A 139 -5.24 -4.16 0.57
CA SER A 139 -5.61 -5.13 1.61
C SER A 139 -6.91 -5.73 1.18
N ASN A 140 -6.79 -6.88 0.55
CA ASN A 140 -7.95 -7.58 0.04
C ASN A 140 -8.94 -7.87 1.16
N SER A 141 -8.47 -7.96 2.40
CA SER A 141 -9.39 -8.17 3.51
C SER A 141 -10.23 -6.88 3.74
N PHE A 142 -9.67 -5.71 3.50
CA PHE A 142 -10.41 -4.46 3.67
C PHE A 142 -11.30 -4.24 2.47
N ILE A 143 -10.79 -4.50 1.29
CA ILE A 143 -11.60 -4.32 0.11
C ILE A 143 -12.85 -5.22 0.18
N HIS A 144 -12.66 -6.49 0.53
CA HIS A 144 -13.79 -7.43 0.64
C HIS A 144 -14.79 -7.06 1.75
N ALA A 145 -14.29 -6.78 2.94
CA ALA A 145 -15.18 -6.41 4.03
C ALA A 145 -16.09 -5.26 3.60
N LEU A 146 -15.50 -4.25 2.96
CA LEU A 146 -16.26 -3.10 2.54
C LEU A 146 -17.26 -3.35 1.44
N LEU A 147 -16.88 -4.11 0.42
CA LEU A 147 -17.72 -4.34 -0.75
C LEU A 147 -18.87 -5.35 -0.68
N VAL A 148 -18.77 -6.40 0.14
CA VAL A 148 -19.87 -7.37 0.17
C VAL A 148 -21.23 -6.84 0.71
N ASP A 149 -22.27 -7.58 0.37
CA ASP A 149 -23.62 -7.27 0.79
C ASP A 149 -23.83 -7.55 2.27
N ARG A 150 -23.35 -8.69 2.72
CA ARG A 150 -23.46 -9.01 4.14
C ARG A 150 -22.06 -9.37 4.60
N PHE A 151 -21.57 -8.65 5.59
CA PHE A 151 -20.23 -8.94 6.02
C PHE A 151 -20.19 -10.04 7.06
N ASP A 152 -19.32 -11.02 6.83
CA ASP A 152 -19.15 -12.13 7.76
C ASP A 152 -18.15 -11.65 8.76
N SER A 153 -18.68 -10.99 9.79
CA SER A 153 -17.91 -10.41 10.88
C SER A 153 -16.84 -11.39 11.32
N SER A 154 -17.28 -12.52 11.85
CA SER A 154 -16.38 -13.55 12.31
C SER A 154 -16.15 -14.59 11.23
N GLY A 155 -15.99 -14.13 9.99
CA GLY A 155 -15.73 -15.03 8.89
C GLY A 155 -14.71 -16.00 9.40
N PRO A 156 -13.49 -15.51 9.73
CA PRO A 156 -12.41 -16.35 10.26
C PRO A 156 -12.60 -16.53 11.77
N GLU A 170 -24.41 -10.45 -3.21
CA GLU A 170 -23.05 -10.19 -3.75
C GLU A 170 -22.46 -8.82 -3.32
N LEU A 171 -22.31 -7.90 -4.26
CA LEU A 171 -21.73 -6.59 -3.93
C LEU A 171 -22.68 -5.43 -3.59
N ARG A 172 -22.24 -4.68 -2.61
CA ARG A 172 -22.96 -3.57 -2.07
C ARG A 172 -23.01 -2.44 -3.06
N TYR A 173 -21.97 -2.28 -3.87
CA TYR A 173 -21.95 -1.21 -4.81
C TYR A 173 -21.91 -1.64 -6.27
N ASP A 174 -21.93 -0.66 -7.14
CA ASP A 174 -21.82 -0.87 -8.56
C ASP A 174 -20.33 -0.59 -8.79
N CYS A 175 -19.53 -1.65 -8.80
CA CYS A 175 -18.09 -1.51 -8.94
C CYS A 175 -17.44 -1.62 -10.31
N CYS A 176 -16.33 -0.90 -10.47
CA CYS A 176 -15.51 -0.98 -11.67
C CYS A 176 -14.16 -1.30 -10.99
N PHE A 177 -13.51 -2.37 -11.43
CA PHE A 177 -12.28 -2.81 -10.83
C PHE A 177 -11.13 -2.63 -11.78
N LEU A 178 -10.18 -1.77 -11.46
CA LEU A 178 -9.01 -1.65 -12.32
C LEU A 178 -7.93 -2.41 -11.54
N TRP A 179 -7.31 -3.38 -12.19
CA TRP A 179 -6.26 -4.16 -11.58
C TRP A 179 -4.94 -3.84 -12.32
N VAL A 180 -4.00 -3.20 -11.61
CA VAL A 180 -2.71 -2.85 -12.20
C VAL A 180 -1.77 -4.01 -11.95
N ASP A 181 -1.35 -4.65 -13.03
CA ASP A 181 -0.51 -5.81 -12.91
C ASP A 181 0.92 -5.54 -13.44
N VAL A 182 1.88 -6.20 -12.81
CA VAL A 182 3.27 -6.08 -13.15
C VAL A 182 3.86 -7.49 -13.15
N SER A 183 4.71 -7.83 -14.09
CA SER A 183 5.28 -9.17 -14.01
C SER A 183 6.02 -9.32 -12.66
N VAL A 184 5.91 -10.47 -12.02
CA VAL A 184 6.57 -10.67 -10.73
C VAL A 184 8.01 -10.21 -10.69
N LYS A 185 8.82 -10.70 -11.61
CA LYS A 185 10.22 -10.30 -11.63
C LYS A 185 10.43 -8.80 -11.66
N VAL A 186 9.74 -8.09 -12.54
CA VAL A 186 9.89 -6.65 -12.57
C VAL A 186 9.43 -6.02 -11.25
N LEU A 187 8.32 -6.53 -10.72
CA LEU A 187 7.74 -6.03 -9.49
C LEU A 187 8.73 -6.24 -8.36
N THR A 188 9.20 -7.46 -8.25
CA THR A 188 10.20 -7.88 -7.29
C THR A 188 11.38 -6.90 -7.30
N ASP A 189 11.98 -6.73 -8.46
CA ASP A 189 13.09 -5.80 -8.62
C ASP A 189 12.71 -4.36 -8.28
N TYR A 190 11.50 -3.94 -8.67
CA TYR A 190 11.14 -2.56 -8.35
C TYR A 190 10.99 -2.40 -6.86
N LEU A 191 10.39 -3.39 -6.23
CA LEU A 191 10.17 -3.43 -4.79
C LEU A 191 11.46 -3.40 -3.96
N ALA A 192 12.54 -3.98 -4.47
CA ALA A 192 13.82 -3.97 -3.80
C ALA A 192 14.35 -2.58 -3.99
N LYS A 193 14.24 -2.04 -5.19
CA LYS A 193 14.73 -0.70 -5.38
C LYS A 193 13.98 0.27 -4.44
N ARG A 194 12.66 0.13 -4.36
CA ARG A 194 11.88 1.01 -3.52
C ARG A 194 12.33 0.89 -2.03
N VAL A 195 12.78 -0.28 -1.60
CA VAL A 195 13.22 -0.35 -0.24
C VAL A 195 14.42 0.58 -0.13
N ASP A 196 15.32 0.53 -1.11
CA ASP A 196 16.50 1.40 -1.11
C ASP A 196 16.09 2.89 -1.10
N ASP A 197 15.10 3.29 -1.88
CA ASP A 197 14.64 4.68 -1.87
C ASP A 197 14.04 5.10 -0.51
N MET A 198 13.40 4.18 0.20
CA MET A 198 12.83 4.43 1.55
C MET A 198 13.96 4.63 2.55
N LEU A 199 15.03 3.87 2.40
CA LEU A 199 16.16 4.01 3.32
C LEU A 199 16.83 5.34 3.01
N GLU A 200 16.98 5.66 1.73
CA GLU A 200 17.61 6.91 1.34
C GLU A 200 16.80 8.13 1.83
N LEU A 201 15.49 7.98 1.92
CA LEU A 201 14.60 9.04 2.38
C LEU A 201 14.63 9.16 3.91
N GLY A 202 15.15 8.17 4.59
CA GLY A 202 15.20 8.26 6.03
C GLY A 202 14.35 7.24 6.77
N MET A 203 14.01 6.13 6.11
CA MET A 203 13.22 5.13 6.77
C MET A 203 13.80 4.60 8.10
N PHE A 204 15.12 4.41 8.15
CA PHE A 204 15.81 3.90 9.30
C PHE A 204 15.70 4.82 10.53
N ASP A 205 15.86 6.11 10.33
CA ASP A 205 15.74 7.06 11.41
C ASP A 205 14.32 7.13 11.87
N GLU A 206 13.40 6.91 10.96
CA GLU A 206 11.97 6.95 11.29
C GLU A 206 11.69 5.78 12.23
N LEU A 207 12.24 4.62 11.89
CA LEU A 207 12.02 3.43 12.67
C LEU A 207 12.78 3.50 13.99
N ALA A 208 13.95 4.13 14.00
CA ALA A 208 14.70 4.26 15.24
C ALA A 208 13.92 5.13 16.21
N GLU A 209 13.20 6.12 15.70
CA GLU A 209 12.43 7.02 16.55
C GLU A 209 11.13 6.36 16.98
N PHE A 210 10.64 5.45 16.16
CA PHE A 210 9.39 4.72 16.46
C PHE A 210 9.65 3.65 17.54
N TYR A 211 10.90 3.18 17.55
CA TYR A 211 11.35 2.16 18.45
C TYR A 211 11.14 2.52 19.90
N SER A 212 10.74 1.52 20.67
CA SER A 212 10.45 1.69 22.09
C SER A 212 10.63 0.40 22.90
N PRO A 213 11.54 0.40 23.88
CA PRO A 213 11.72 -0.81 24.68
C PRO A 213 10.50 -1.21 25.51
N GLU A 214 9.44 -0.40 25.58
CA GLU A 214 8.25 -0.86 26.30
C GLU A 214 7.40 -1.75 25.37
N ASP A 215 7.83 -1.97 24.14
CA ASP A 215 7.08 -2.85 23.25
C ASP A 215 7.41 -4.31 23.53
N GLU A 216 6.39 -5.12 23.62
CA GLU A 216 6.59 -6.52 23.94
C GLU A 216 6.63 -7.48 22.76
N ASP A 217 6.64 -6.95 21.53
CA ASP A 217 6.63 -7.81 20.34
C ASP A 217 7.90 -7.88 19.51
N HIS A 218 9.04 -7.42 20.06
CA HIS A 218 10.31 -7.34 19.32
C HIS A 218 10.81 -8.61 18.70
N ASP A 219 10.47 -9.74 19.32
CA ASP A 219 10.88 -11.05 18.83
C ASP A 219 9.80 -11.71 18.00
N GLU A 220 8.81 -10.95 17.55
CA GLU A 220 7.66 -11.50 16.85
C GLU A 220 7.43 -10.96 15.44
N ASP A 221 6.95 -11.86 14.57
CA ASP A 221 6.68 -11.60 13.15
C ASP A 221 5.48 -10.68 13.00
N SER A 222 5.43 -10.03 11.86
CA SER A 222 4.34 -9.16 11.41
C SER A 222 2.99 -9.92 11.50
N ALA A 223 3.03 -11.21 11.17
CA ALA A 223 1.84 -12.03 11.08
C ALA A 223 0.95 -11.95 12.27
N THR A 224 1.55 -11.98 13.45
CA THR A 224 0.79 -11.91 14.70
C THR A 224 0.96 -10.65 15.47
N ARG A 225 1.68 -9.68 14.93
CA ARG A 225 1.80 -8.43 15.65
C ARG A 225 0.46 -7.74 15.49
N THR A 226 0.29 -6.60 16.16
CA THR A 226 -0.97 -5.93 16.05
C THR A 226 -0.83 -4.51 15.51
N GLY A 227 -1.72 -4.17 14.56
CA GLY A 227 -1.79 -2.84 13.96
C GLY A 227 -0.56 -2.38 13.16
N LEU A 228 -0.28 -1.08 13.27
CA LEU A 228 0.86 -0.46 12.60
C LEU A 228 2.18 -1.19 12.88
N ARG A 229 2.27 -1.91 14.00
CA ARG A 229 3.50 -2.61 14.30
C ARG A 229 3.70 -3.84 13.38
N LYS A 230 2.69 -4.17 12.57
CA LYS A 230 2.79 -5.24 11.59
C LYS A 230 3.51 -4.81 10.28
N ALA A 231 3.58 -3.50 10.00
CA ALA A 231 4.18 -2.93 8.80
C ALA A 231 5.50 -3.54 8.44
N ILE A 232 5.73 -3.89 7.16
CA ILE A 232 7.04 -4.48 6.82
C ILE A 232 8.10 -3.43 7.13
N GLY A 233 9.17 -3.85 7.82
CA GLY A 233 10.22 -2.91 8.21
C GLY A 233 10.29 -2.81 9.71
N VAL A 234 9.13 -2.83 10.36
CA VAL A 234 9.22 -2.70 11.80
C VAL A 234 9.82 -3.89 12.53
N PRO A 235 9.32 -5.10 12.27
CA PRO A 235 9.85 -6.32 12.94
C PRO A 235 11.32 -6.57 12.57
N GLU A 236 11.67 -6.28 11.31
CA GLU A 236 13.02 -6.48 10.77
C GLU A 236 14.01 -5.59 11.50
N PHE A 237 13.71 -4.30 11.60
CA PHE A 237 14.64 -3.46 12.32
C PHE A 237 14.63 -3.66 13.79
N ASP A 238 13.52 -4.12 14.38
CA ASP A 238 13.50 -4.40 15.83
C ASP A 238 14.60 -5.46 16.13
N ARG A 239 14.77 -6.40 15.22
CA ARG A 239 15.78 -7.41 15.42
C ARG A 239 17.15 -6.72 15.45
N TYR A 240 17.37 -5.76 14.56
CA TYR A 240 18.62 -5.01 14.53
C TYR A 240 18.77 -4.14 15.79
N PHE A 241 17.75 -3.35 16.13
CA PHE A 241 17.86 -2.51 17.32
C PHE A 241 18.01 -3.37 18.59
N GLU A 242 17.59 -4.62 18.54
CA GLU A 242 17.72 -5.50 19.68
C GLU A 242 19.16 -5.46 20.14
N LYS A 243 20.03 -5.65 19.16
CA LYS A 243 21.45 -5.62 19.40
C LYS A 243 22.05 -4.24 19.41
N PHE A 244 21.60 -3.37 18.52
CA PHE A 244 22.13 -2.01 18.42
C PHE A 244 21.07 -0.93 18.65
N ARG A 245 20.80 -0.66 19.92
CA ARG A 245 19.78 0.31 20.30
C ARG A 245 20.06 1.61 19.62
N PRO A 246 19.02 2.37 19.28
CA PRO A 246 19.13 3.67 18.61
C PRO A 246 20.09 4.70 19.27
N GLY A 247 21.15 5.10 18.58
CA GLY A 247 22.07 6.04 19.17
C GLY A 247 23.25 5.37 19.88
N ASP A 248 23.18 4.06 20.03
CA ASP A 248 24.25 3.37 20.70
C ASP A 248 25.39 3.31 19.72
N VAL A 249 26.60 3.52 20.22
CA VAL A 249 27.80 3.49 19.39
C VAL A 249 28.82 2.56 20.00
N GLU A 250 29.85 2.24 19.22
CA GLU A 250 30.92 1.36 19.66
C GLU A 250 32.00 2.19 20.33
N GLY A 251 32.27 3.35 19.72
CA GLY A 251 33.26 4.27 20.25
C GLY A 251 34.76 4.02 20.09
N GLU A 252 35.29 2.84 20.46
CA GLU A 252 36.74 2.60 20.39
C GLU A 252 37.33 1.35 19.72
N ASP A 253 37.26 0.19 20.37
CA ASP A 253 37.86 -1.00 19.76
C ASP A 253 37.07 -2.30 19.84
N PRO A 254 35.89 -2.32 19.20
CA PRO A 254 35.08 -3.54 19.23
C PRO A 254 35.06 -4.34 17.92
N GLY A 255 35.26 -5.66 18.02
CA GLY A 255 35.19 -6.45 16.82
C GLY A 255 33.73 -6.34 16.43
N ARG A 256 32.95 -5.70 17.30
CA ARG A 256 31.51 -5.53 17.10
C ARG A 256 31.10 -5.01 15.73
N ASP A 257 31.95 -4.22 15.09
CA ASP A 257 31.61 -3.69 13.77
C ASP A 257 31.09 -4.69 12.75
N ARG A 258 31.74 -5.85 12.67
CA ARG A 258 31.38 -6.88 11.70
C ARG A 258 29.96 -7.45 11.93
N VAL A 259 29.50 -7.41 13.18
CA VAL A 259 28.17 -7.91 13.50
C VAL A 259 27.14 -6.81 13.18
N ARG A 260 27.50 -5.56 13.47
CA ARG A 260 26.63 -4.42 13.22
C ARG A 260 26.30 -4.33 11.75
N ARG A 261 27.33 -4.48 10.93
CA ARG A 261 27.18 -4.41 9.46
C ARG A 261 26.37 -5.62 8.93
N GLY A 262 26.67 -6.78 9.51
CA GLY A 262 25.97 -8.00 9.14
C GLY A 262 24.51 -7.87 9.59
N ALA A 263 24.24 -7.31 10.78
CA ALA A 263 22.87 -7.22 11.22
C ALA A 263 22.06 -6.23 10.40
N PHE A 264 22.69 -5.12 10.04
CA PHE A 264 22.02 -4.13 9.25
C PHE A 264 21.61 -4.71 7.90
N GLU A 265 22.60 -5.28 7.25
CA GLU A 265 22.47 -5.88 5.95
C GLU A 265 21.36 -6.92 5.97
N GLU A 266 21.35 -7.76 7.01
CA GLU A 266 20.34 -8.80 7.17
C GLU A 266 18.93 -8.19 7.32
N ALA A 267 18.82 -7.11 8.09
CA ALA A 267 17.52 -6.47 8.27
C ALA A 267 17.04 -6.03 6.86
N VAL A 268 17.92 -5.36 6.10
CA VAL A 268 17.55 -4.91 4.78
C VAL A 268 17.11 -6.00 3.82
N ARG A 269 17.80 -7.14 3.77
CA ARG A 269 17.42 -8.25 2.85
C ARG A 269 16.09 -8.82 3.31
N ALA A 270 15.91 -8.86 4.61
CA ALA A 270 14.70 -9.42 5.14
C ALA A 270 13.55 -8.58 4.74
N ILE A 271 13.72 -7.27 4.76
CA ILE A 271 12.67 -6.33 4.39
C ILE A 271 12.32 -6.48 2.91
N LYS A 272 13.33 -6.62 2.07
CA LYS A 272 13.12 -6.74 0.62
C LYS A 272 12.37 -8.01 0.36
N GLU A 273 12.82 -9.09 0.98
CA GLU A 273 12.22 -10.41 0.93
C GLU A 273 10.79 -10.50 1.40
N ASN A 274 10.49 -9.93 2.56
CA ASN A 274 9.12 -9.96 3.07
C ASN A 274 8.16 -9.24 2.14
N THR A 275 8.68 -8.22 1.47
CA THR A 275 7.94 -7.36 0.57
C THR A 275 7.60 -8.12 -0.69
N CYS A 276 8.61 -8.85 -1.14
CA CYS A 276 8.53 -9.67 -2.29
C CYS A 276 7.55 -10.80 -2.02
N HIS A 277 7.60 -11.40 -0.84
CA HIS A 277 6.66 -12.46 -0.51
C HIS A 277 5.23 -11.94 -0.39
N LEU A 278 5.09 -10.75 0.21
CA LEU A 278 3.77 -10.13 0.37
C LEU A 278 3.18 -9.91 -1.03
N ALA A 279 4.04 -9.51 -1.98
CA ALA A 279 3.58 -9.26 -3.34
C ALA A 279 2.98 -10.53 -3.96
N LYS A 280 3.63 -11.64 -3.67
CA LYS A 280 3.18 -12.91 -4.20
C LYS A 280 1.85 -13.32 -3.62
N ARG A 281 1.69 -13.12 -2.32
CA ARG A 281 0.42 -13.52 -1.70
C ARG A 281 -0.75 -12.64 -2.14
N GLN A 282 -0.46 -11.38 -2.46
CA GLN A 282 -1.48 -10.44 -2.91
C GLN A 282 -1.99 -10.79 -4.27
N ILE A 283 -1.06 -11.11 -5.19
CA ILE A 283 -1.38 -11.48 -6.56
C ILE A 283 -2.24 -12.74 -6.57
N GLY A 284 -1.82 -13.78 -5.85
CA GLY A 284 -2.57 -15.01 -5.83
C GLY A 284 -3.96 -14.75 -5.32
N LYS A 285 -4.01 -13.93 -4.29
CA LYS A 285 -5.26 -13.54 -3.69
C LYS A 285 -6.10 -12.82 -4.76
N ILE A 286 -5.50 -11.91 -5.50
CA ILE A 286 -6.25 -11.23 -6.55
C ILE A 286 -6.73 -12.25 -7.59
N LEU A 287 -5.87 -13.17 -7.93
CA LEU A 287 -6.24 -14.19 -8.88
C LEU A 287 -7.47 -14.95 -8.36
N ARG A 288 -7.64 -15.11 -7.07
CA ARG A 288 -8.80 -15.83 -6.57
C ARG A 288 -10.12 -15.05 -6.67
N LEU A 289 -10.08 -13.72 -6.73
CA LEU A 289 -11.31 -12.96 -6.85
C LEU A 289 -11.71 -12.96 -8.29
N LYS A 290 -10.74 -13.38 -9.10
CA LYS A 290 -10.86 -13.50 -10.52
C LYS A 290 -11.20 -14.98 -10.76
N GLY A 291 -11.97 -15.52 -9.82
CA GLY A 291 -12.43 -16.90 -9.83
C GLY A 291 -13.84 -16.68 -9.35
N ALA A 292 -13.98 -15.98 -8.24
CA ALA A 292 -15.32 -15.64 -7.71
C ALA A 292 -16.12 -14.78 -8.73
N GLY A 293 -15.63 -14.73 -9.96
CA GLY A 293 -16.31 -13.95 -10.96
C GLY A 293 -15.52 -12.69 -11.22
N TRP A 294 -15.83 -11.66 -10.44
CA TRP A 294 -15.21 -10.34 -10.47
C TRP A 294 -14.51 -9.92 -11.78
N ASP A 295 -15.16 -9.04 -12.50
CA ASP A 295 -14.65 -8.55 -13.75
C ASP A 295 -13.49 -7.55 -13.54
N LEU A 296 -12.28 -8.06 -13.49
CA LEU A 296 -11.16 -7.18 -13.28
C LEU A 296 -10.60 -6.70 -14.58
N ARG A 297 -10.47 -5.40 -14.74
CA ARG A 297 -9.93 -4.86 -16.00
C ARG A 297 -8.43 -4.74 -15.76
N ARG A 298 -7.64 -5.60 -16.40
CA ARG A 298 -6.20 -5.60 -16.16
C ARG A 298 -5.37 -4.60 -16.90
N LEU A 299 -4.54 -3.90 -16.15
CA LEU A 299 -3.66 -2.90 -16.76
C LEU A 299 -2.25 -3.42 -16.61
N ASP A 300 -1.52 -3.53 -17.70
CA ASP A 300 -0.19 -4.04 -17.58
C ASP A 300 0.82 -2.92 -17.48
N ALA A 301 1.25 -2.68 -16.25
CA ALA A 301 2.22 -1.66 -15.93
C ALA A 301 3.68 -2.16 -16.05
N THR A 302 3.90 -3.39 -16.53
CA THR A 302 5.26 -3.91 -16.58
C THR A 302 6.36 -3.09 -17.27
N GLU A 303 6.13 -2.58 -18.45
CA GLU A 303 7.16 -1.84 -19.10
C GLU A 303 7.35 -0.49 -18.47
N SER A 304 6.31 -0.02 -17.77
CA SER A 304 6.37 1.27 -17.12
C SER A 304 7.35 1.16 -15.98
N PHE A 305 7.25 0.03 -15.27
CA PHE A 305 8.11 -0.25 -14.14
C PHE A 305 9.54 -0.54 -14.55
N ARG A 306 9.70 -1.32 -15.62
CA ARG A 306 11.02 -1.66 -16.16
C ARG A 306 11.71 -0.32 -16.41
N ALA A 307 11.05 0.54 -17.18
CA ALA A 307 11.60 1.87 -17.48
C ALA A 307 11.79 2.70 -16.19
N ALA A 308 10.90 2.53 -15.22
CA ALA A 308 10.98 3.23 -13.95
C ALA A 308 12.22 2.87 -13.14
N MET A 309 12.82 1.72 -13.45
CA MET A 309 13.99 1.22 -12.73
C MET A 309 15.21 2.06 -12.96
N THR A 310 15.29 2.63 -14.14
CA THR A 310 16.41 3.49 -14.48
C THR A 310 16.28 4.75 -13.63
N SER A 311 17.40 5.26 -13.14
CA SER A 311 17.35 6.49 -12.36
C SER A 311 17.02 7.64 -13.33
N ASP A 312 16.41 7.25 -14.44
CA ASP A 312 15.96 8.16 -15.50
C ASP A 312 14.43 8.03 -15.46
N SER A 313 13.94 7.67 -14.27
CA SER A 313 12.51 7.47 -13.97
C SER A 313 11.65 8.75 -14.02
N GLY A 314 11.40 9.21 -15.25
CA GLY A 314 10.59 10.39 -15.44
C GLY A 314 10.00 10.33 -16.81
N GLU A 315 10.60 11.07 -17.73
CA GLU A 315 10.15 11.14 -19.10
C GLU A 315 9.82 9.78 -19.72
N LYS A 316 10.73 8.82 -19.61
CA LYS A 316 10.49 7.51 -20.20
C LYS A 316 9.38 6.75 -19.54
N CYS A 317 9.44 6.67 -18.21
CA CYS A 317 8.44 5.96 -17.43
C CYS A 317 7.05 6.56 -17.59
N THR A 318 6.98 7.88 -17.70
CA THR A 318 5.70 8.57 -17.83
C THR A 318 5.08 8.32 -19.19
N GLU A 319 5.90 8.34 -20.22
CA GLU A 319 5.41 8.11 -21.56
C GLU A 319 4.64 6.78 -21.66
N ILE A 320 5.29 5.73 -21.16
CA ILE A 320 4.80 4.36 -21.20
C ILE A 320 3.54 4.17 -20.42
N TRP A 321 3.58 4.65 -19.19
CA TRP A 321 2.45 4.61 -18.31
C TRP A 321 1.23 5.36 -18.89
N GLU A 322 1.48 6.48 -19.53
CA GLU A 322 0.43 7.29 -20.11
C GLU A 322 -0.28 6.45 -21.12
N LYS A 323 0.49 5.84 -22.01
CA LYS A 323 -0.04 5.00 -23.08
C LYS A 323 -0.56 3.64 -22.62
N GLN A 324 0.19 2.95 -21.79
CA GLN A 324 -0.21 1.61 -21.40
C GLN A 324 -1.14 1.42 -20.22
N VAL A 325 -1.15 2.39 -19.32
CA VAL A 325 -1.93 2.27 -18.10
C VAL A 325 -3.00 3.32 -17.97
N LEU A 326 -2.63 4.57 -18.14
CA LEU A 326 -3.58 5.63 -18.00
C LEU A 326 -4.59 5.73 -19.11
N GLU A 327 -4.18 5.88 -20.36
CA GLU A 327 -5.19 6.02 -21.45
C GLU A 327 -6.26 4.93 -21.38
N PRO A 328 -5.86 3.66 -21.24
CA PRO A 328 -6.89 2.60 -21.16
C PRO A 328 -7.84 2.79 -19.94
N SER A 329 -7.31 3.13 -18.76
CA SER A 329 -8.15 3.34 -17.57
C SER A 329 -9.17 4.48 -17.78
N VAL A 330 -8.73 5.59 -18.40
CA VAL A 330 -9.61 6.73 -18.62
C VAL A 330 -10.85 6.24 -19.39
N LYS A 331 -10.59 5.48 -20.47
CA LYS A 331 -11.63 4.90 -21.30
C LYS A 331 -12.59 4.00 -20.50
N ILE A 332 -12.02 3.09 -19.72
CA ILE A 332 -12.86 2.20 -18.94
C ILE A 332 -13.73 3.02 -17.95
N VAL A 333 -13.13 3.96 -17.22
CA VAL A 333 -13.88 4.72 -16.22
C VAL A 333 -14.95 5.54 -16.87
N SER A 334 -14.54 6.18 -17.94
CA SER A 334 -15.42 6.97 -18.77
C SER A 334 -16.67 6.15 -19.15
N ARG A 335 -16.50 4.90 -19.57
CA ARG A 335 -17.69 4.15 -19.92
C ARG A 335 -18.53 3.71 -18.73
N PHE A 336 -17.86 3.56 -17.59
CA PHE A 336 -18.46 3.14 -16.33
C PHE A 336 -19.28 4.32 -15.78
N LEU A 337 -18.83 5.54 -16.04
CA LEU A 337 -19.57 6.68 -15.53
C LEU A 337 -20.85 6.98 -16.30
N ASP A 338 -20.93 6.49 -17.52
CA ASP A 338 -22.10 6.68 -18.34
C ASP A 338 -23.21 5.73 -17.94
N GLU A 339 -23.13 4.47 -18.37
CA GLU A 339 -24.19 3.55 -18.03
C GLU A 339 -23.90 2.91 -16.68
PG ATP B . -3.70 -10.50 5.72
O1G ATP B . -5.12 -10.46 6.23
O2G ATP B . -2.72 -10.15 6.98
O3G ATP B . -3.33 -11.97 5.18
PB ATP B . -4.62 -8.44 4.14
O1B ATP B . -5.48 -8.91 3.09
O2B ATP B . -5.49 -8.25 5.42
O3B ATP B . -3.44 -9.46 4.44
PA ATP B . -2.52 -6.85 3.16
O1A ATP B . -2.10 -7.89 2.24
O2A ATP B . -2.43 -5.45 2.34
O3A ATP B . -4.06 -6.98 3.71
O5' ATP B . -1.47 -6.64 4.39
C5' ATP B . -0.99 -7.85 4.94
C4' ATP B . 0.31 -7.52 5.63
O4' ATP B . 1.22 -6.97 4.68
C3' ATP B . 0.20 -6.44 6.73
O3' ATP B . -0.15 -7.01 7.99
C2' ATP B . 1.60 -5.80 6.72
O2' ATP B . 2.47 -6.53 7.52
C1' ATP B . 2.04 -5.88 5.27
N9 ATP B . 1.79 -4.59 4.57
C8 ATP B . 0.69 -4.27 3.80
N7 ATP B . 0.74 -3.00 3.42
C5 ATP B . 1.87 -2.43 3.93
C6 ATP B . 2.49 -1.12 3.89
N6 ATP B . 1.93 -0.06 3.22
N1 ATP B . 3.66 -0.96 4.54
C2 ATP B . 4.24 -1.95 5.19
N3 ATP B . 3.71 -3.18 5.26
C4 ATP B . 2.57 -3.47 4.66
P PO4 C . 0.84 1.49 -4.68
O1 PO4 C . -0.07 2.58 -4.21
O2 PO4 C . 1.30 0.70 -3.50
O3 PO4 C . 0.11 0.61 -5.64
O4 PO4 C . 2.01 2.08 -5.36
#